data_2FR0
#
_entry.id   2FR0
#
_cell.length_a   43.211
_cell.length_b   46.332
_cell.length_c   61.506
_cell.angle_alpha   94.73
_cell.angle_beta   90.17
_cell.angle_gamma   98.89
#
_symmetry.space_group_name_H-M   'P 1'
#
loop_
_entity.id
_entity.type
_entity.pdbx_description
1 polymer 'Erythromycin synthase, EryAI'
2 non-polymer 'NADPH DIHYDRO-NICOTINAMIDE-ADENINE-DINUCLEOTIDE PHOSPHATE'
3 water water
#
_entity_poly.entity_id   1
_entity_poly.type   'polypeptide(L)'
_entity_poly.pdbx_seq_one_letter_code
;GSHMSTEVDEVSALRYRIEWRPTGAGEPARLDGTWLVAKYAGTADETSTAAREALESAGARVRELVVDARCGRDELAERL
RSVGEVAGVLSLLAVDEAEPEEAPLALASLADTLSLVQAMVSAELGCPLWTVTESAVATGPFERVRNAAHGALWGVGRVI
ALENPAVWGGLVDVPAGSVAELARHLAAVVSGGAGEDQLALRADGVYGRRWVRAAAPATDDEWKPTGTVLVTGGTGGVGG
QIARWLARRGAPHLLLVSRSGPDADGAGELVAELEALGARTTVAACDVTDRESVRELLGGIGDDVPLSAVFHAAATLDDG
TVDTLTGERIERASRAKVLGARNLHELTRELDLTAFVLFSSFASAFGAPGLGGYAPGNAYLDGLAQQRRSDGLPATAVAW
GTWAGSGMAEGPVADRFRRHGVIEMPPETACRALQNALDRAEVCPIVIDVRWDRFLLAYTAQRPTRLFDEIDDARRAAPQ
AAAEPR
;
_entity_poly.pdbx_strand_id   A
#
loop_
_chem_comp.id
_chem_comp.type
_chem_comp.name
_chem_comp.formula
NDP non-polymer 'NADPH DIHYDRO-NICOTINAMIDE-ADENINE-DINUCLEOTIDE PHOSPHATE' 'C21 H30 N7 O17 P3'
#
# COMPACT_ATOMS: atom_id res chain seq x y z
N ASP A 9 -26.70 2.62 -9.33
CA ASP A 9 -25.97 1.32 -9.24
C ASP A 9 -25.08 1.31 -8.00
N GLU A 10 -25.44 0.50 -7.01
CA GLU A 10 -24.68 0.41 -5.77
C GLU A 10 -23.28 -0.17 -6.00
N VAL A 11 -23.09 -0.84 -7.13
CA VAL A 11 -21.81 -1.45 -7.44
C VAL A 11 -20.85 -0.50 -8.18
N SER A 12 -21.40 0.54 -8.81
CA SER A 12 -20.57 1.49 -9.54
C SER A 12 -20.19 2.71 -8.70
N ALA A 13 -20.86 2.88 -7.56
CA ALA A 13 -20.57 3.99 -6.67
C ALA A 13 -19.47 3.63 -5.66
N LEU A 14 -18.97 2.40 -5.73
CA LEU A 14 -17.93 1.93 -4.81
C LEU A 14 -16.56 1.85 -5.47
N ARG A 15 -16.55 2.02 -6.78
CA ARG A 15 -15.35 1.91 -7.61
C ARG A 15 -14.48 3.15 -7.79
N TYR A 16 -13.21 3.04 -7.39
CA TYR A 16 -12.25 4.11 -7.54
C TYR A 16 -10.91 3.55 -7.99
N ARG A 17 -9.99 4.44 -8.31
CA ARG A 17 -8.65 4.03 -8.73
C ARG A 17 -7.68 5.19 -8.57
N ILE A 18 -6.39 4.87 -8.56
CA ILE A 18 -5.36 5.88 -8.41
C ILE A 18 -4.81 6.31 -9.75
N GLU A 19 -4.76 7.61 -9.98
CA GLU A 19 -4.19 8.15 -11.21
C GLU A 19 -3.17 9.19 -10.80
N TRP A 20 -2.28 9.55 -11.72
CA TRP A 20 -1.26 10.56 -11.44
C TRP A 20 -1.50 11.66 -12.47
N ARG A 21 -2.01 12.80 -12.01
CA ARG A 21 -2.33 13.93 -12.88
C ARG A 21 -1.27 15.04 -12.85
N PRO A 22 -0.96 15.63 -14.01
CA PRO A 22 0.04 16.71 -14.08
C PRO A 22 -0.30 17.84 -13.11
N THR A 23 0.73 18.40 -12.48
CA THR A 23 0.52 19.50 -11.54
C THR A 23 1.84 20.22 -11.24
N GLY A 24 1.80 21.21 -10.35
CA GLY A 24 3.00 21.95 -10.01
C GLY A 24 2.95 22.46 -8.58
N ALA A 25 3.96 23.24 -8.18
CA ALA A 25 4.01 23.80 -6.84
C ALA A 25 3.28 25.14 -6.78
N GLY A 26 3.96 26.20 -7.21
CA GLY A 26 3.35 27.52 -7.19
C GLY A 26 4.23 28.54 -6.49
N GLU A 27 5.26 29.01 -7.21
CA GLU A 27 6.20 30.00 -6.67
C GLU A 27 6.88 29.45 -5.42
N PRO A 28 8.11 28.93 -5.56
CA PRO A 28 8.88 28.37 -4.45
C PRO A 28 9.29 29.41 -3.42
N ALA A 29 9.46 30.64 -3.85
CA ALA A 29 9.86 31.71 -2.95
C ALA A 29 11.17 31.32 -2.25
N ARG A 30 12.03 30.64 -3.00
CA ARG A 30 13.33 30.18 -2.48
C ARG A 30 13.22 29.54 -1.10
N LEU A 31 14.36 29.37 -0.45
CA LEU A 31 14.40 28.75 0.88
C LEU A 31 14.90 29.72 1.94
N ASP A 32 15.30 29.18 3.09
CA ASP A 32 15.80 30.00 4.18
C ASP A 32 16.12 29.17 5.41
N GLY A 33 17.42 28.98 5.67
CA GLY A 33 17.84 28.19 6.81
C GLY A 33 18.71 27.02 6.40
N THR A 34 18.97 26.10 7.33
CA THR A 34 19.78 24.93 7.04
C THR A 34 18.90 23.69 6.86
N TRP A 35 19.28 22.85 5.90
CA TRP A 35 18.56 21.62 5.62
C TRP A 35 19.50 20.45 5.84
N LEU A 36 18.95 19.36 6.37
CA LEU A 36 19.71 18.15 6.64
C LEU A 36 19.37 17.11 5.59
N VAL A 37 20.38 16.45 5.05
CA VAL A 37 20.17 15.42 4.05
C VAL A 37 20.55 14.07 4.66
N ALA A 38 19.55 13.26 4.99
CA ALA A 38 19.78 11.95 5.60
C ALA A 38 20.11 10.90 4.56
N LYS A 39 21.21 10.17 4.78
CA LYS A 39 21.63 9.14 3.83
C LYS A 39 22.53 8.14 4.52
N TYR A 40 22.69 6.97 3.89
CA TYR A 40 23.56 5.94 4.43
C TYR A 40 24.98 6.20 3.94
N ALA A 41 25.97 5.73 4.69
CA ALA A 41 27.37 5.92 4.32
C ALA A 41 27.62 5.43 2.89
N GLY A 42 28.30 6.25 2.10
CA GLY A 42 28.62 5.89 0.72
C GLY A 42 27.45 5.36 -0.10
N THR A 43 26.31 6.03 0.00
CA THR A 43 25.13 5.62 -0.74
C THR A 43 24.38 6.85 -1.22
N ALA A 44 23.85 6.77 -2.44
CA ALA A 44 23.11 7.88 -3.02
C ALA A 44 23.95 9.16 -3.09
N ASP A 45 25.24 9.02 -3.33
CA ASP A 45 26.15 10.16 -3.41
C ASP A 45 25.79 11.09 -4.57
N GLU A 46 25.52 10.51 -5.74
CA GLU A 46 25.16 11.32 -6.90
C GLU A 46 23.89 12.12 -6.65
N THR A 47 22.88 11.46 -6.08
CA THR A 47 21.61 12.12 -5.80
C THR A 47 21.77 13.17 -4.70
N SER A 48 22.64 12.89 -3.74
CA SER A 48 22.90 13.83 -2.66
C SER A 48 23.46 15.12 -3.25
N THR A 49 24.47 15.01 -4.10
CA THR A 49 25.07 16.18 -4.72
C THR A 49 24.02 17.00 -5.47
N ALA A 50 23.11 16.30 -6.14
CA ALA A 50 22.05 16.96 -6.89
C ALA A 50 21.12 17.73 -5.96
N ALA A 51 20.72 17.09 -4.86
CA ALA A 51 19.83 17.70 -3.89
C ALA A 51 20.51 18.89 -3.22
N ARG A 52 21.80 18.75 -2.95
CA ARG A 52 22.55 19.83 -2.31
C ARG A 52 22.54 21.09 -3.17
N GLU A 53 23.09 21.00 -4.37
CA GLU A 53 23.13 22.14 -5.28
C GLU A 53 21.75 22.73 -5.52
N ALA A 54 20.75 21.86 -5.63
CA ALA A 54 19.38 22.32 -5.85
C ALA A 54 18.89 23.16 -4.67
N LEU A 55 19.05 22.62 -3.47
CA LEU A 55 18.65 23.32 -2.25
C LEU A 55 19.45 24.59 -2.01
N GLU A 56 20.76 24.52 -2.25
CA GLU A 56 21.64 25.68 -2.06
C GLU A 56 21.31 26.78 -3.05
N SER A 57 21.02 26.41 -4.30
CA SER A 57 20.69 27.39 -5.32
C SER A 57 19.41 28.14 -4.95
N ALA A 58 18.70 27.62 -3.96
CA ALA A 58 17.46 28.25 -3.51
C ALA A 58 17.74 29.12 -2.28
N GLY A 59 19.01 29.26 -1.95
CA GLY A 59 19.40 30.08 -0.81
C GLY A 59 19.20 29.39 0.52
N ALA A 60 19.95 28.32 0.76
CA ALA A 60 19.84 27.58 2.01
C ALA A 60 21.10 26.76 2.23
N ARG A 61 21.54 26.68 3.49
CA ARG A 61 22.72 25.91 3.82
C ARG A 61 22.31 24.44 3.88
N VAL A 62 23.16 23.56 3.36
CA VAL A 62 22.86 22.12 3.35
C VAL A 62 23.92 21.28 4.06
N ARG A 63 23.49 20.54 5.08
CA ARG A 63 24.38 19.67 5.84
C ARG A 63 23.83 18.24 5.76
N GLU A 64 24.72 17.26 5.68
CA GLU A 64 24.27 15.87 5.62
C GLU A 64 24.27 15.17 6.96
N LEU A 65 23.43 14.16 7.07
CA LEU A 65 23.30 13.36 8.28
C LEU A 65 23.44 11.89 7.89
N VAL A 66 24.64 11.34 8.09
CA VAL A 66 24.91 9.95 7.76
C VAL A 66 24.28 9.04 8.80
N VAL A 67 23.34 8.21 8.37
CA VAL A 67 22.64 7.30 9.26
C VAL A 67 23.22 5.90 9.20
N ASP A 68 23.31 5.26 10.37
CA ASP A 68 23.79 3.89 10.45
C ASP A 68 22.57 2.99 10.38
N ALA A 69 22.60 2.05 9.44
CA ALA A 69 21.49 1.12 9.24
C ALA A 69 20.92 0.54 10.53
N ARG A 70 19.62 0.76 10.74
CA ARG A 70 18.92 0.26 11.92
C ARG A 70 19.52 0.76 13.24
N CYS A 71 19.90 2.03 13.28
CA CYS A 71 20.52 2.62 14.46
C CYS A 71 19.58 2.81 15.65
N GLY A 72 18.31 3.11 15.36
CA GLY A 72 17.35 3.32 16.42
C GLY A 72 16.99 4.79 16.56
N ARG A 73 15.84 5.06 17.15
CA ARG A 73 15.36 6.43 17.34
C ARG A 73 16.18 7.21 18.36
N ASP A 74 16.67 6.53 19.39
CA ASP A 74 17.45 7.17 20.44
C ASP A 74 18.74 7.82 19.94
N GLU A 75 19.50 7.08 19.14
CA GLU A 75 20.75 7.60 18.61
C GLU A 75 20.50 8.84 17.78
N LEU A 76 19.50 8.78 16.89
CA LEU A 76 19.15 9.90 16.03
C LEU A 76 18.57 11.08 16.81
N ALA A 77 17.95 10.80 17.94
CA ALA A 77 17.37 11.86 18.76
C ALA A 77 18.49 12.68 19.43
N GLU A 78 19.56 12.01 19.86
CA GLU A 78 20.66 12.73 20.49
C GLU A 78 21.37 13.63 19.47
N ARG A 79 21.63 13.08 18.29
CA ARG A 79 22.31 13.80 17.22
C ARG A 79 21.51 14.99 16.66
N LEU A 80 20.20 14.84 16.57
CA LEU A 80 19.37 15.93 16.04
C LEU A 80 19.23 17.07 17.06
N ARG A 81 19.66 16.82 18.29
CA ARG A 81 19.58 17.85 19.33
C ARG A 81 20.83 18.73 19.38
N SER A 82 21.88 18.33 18.67
CA SER A 82 23.11 19.11 18.66
C SER A 82 23.28 19.81 17.32
N VAL A 83 22.40 19.50 16.37
CA VAL A 83 22.45 20.10 15.04
C VAL A 83 22.01 21.55 15.06
N GLY A 84 21.19 21.93 16.04
CA GLY A 84 20.72 23.29 16.12
C GLY A 84 19.40 23.46 15.40
N GLU A 85 19.10 24.68 14.97
CA GLU A 85 17.86 24.95 14.26
C GLU A 85 17.92 24.42 12.83
N VAL A 86 16.87 23.72 12.43
CA VAL A 86 16.79 23.14 11.09
C VAL A 86 15.50 23.57 10.41
N ALA A 87 15.60 23.93 9.14
CA ALA A 87 14.45 24.36 8.35
C ALA A 87 13.69 23.17 7.79
N GLY A 88 14.40 22.07 7.57
CA GLY A 88 13.78 20.87 7.04
C GLY A 88 14.77 19.74 6.85
N VAL A 89 14.26 18.52 6.66
CA VAL A 89 15.12 17.36 6.45
C VAL A 89 14.70 16.64 5.18
N LEU A 90 15.68 16.29 4.35
CA LEU A 90 15.44 15.57 3.10
C LEU A 90 16.05 14.19 3.27
N SER A 91 15.23 13.16 3.16
CA SER A 91 15.73 11.80 3.33
C SER A 91 16.02 11.10 2.00
N LEU A 92 17.21 10.53 1.91
CA LEU A 92 17.61 9.81 0.72
C LEU A 92 17.89 8.35 1.09
N LEU A 93 17.37 7.93 2.24
CA LEU A 93 17.56 6.55 2.72
C LEU A 93 17.08 5.48 1.73
N ALA A 94 15.98 5.78 1.03
CA ALA A 94 15.39 4.84 0.06
C ALA A 94 16.00 4.95 -1.35
N VAL A 95 17.00 5.80 -1.51
CA VAL A 95 17.66 5.99 -2.80
C VAL A 95 18.89 5.09 -2.93
N ASP A 96 19.10 4.54 -4.12
CA ASP A 96 20.24 3.65 -4.36
C ASP A 96 20.31 2.57 -3.30
N GLU A 97 19.13 2.13 -2.85
CA GLU A 97 19.04 1.09 -1.82
C GLU A 97 18.97 -0.30 -2.42
N ALA A 98 19.81 -1.20 -1.92
CA ALA A 98 19.85 -2.56 -2.40
C ALA A 98 18.59 -3.34 -2.09
N GLU A 99 18.31 -4.37 -2.88
CA GLU A 99 17.13 -5.21 -2.68
C GLU A 99 17.54 -6.67 -2.44
N PRO A 100 18.36 -6.91 -1.40
CA PRO A 100 18.82 -8.27 -1.06
C PRO A 100 17.73 -9.25 -0.63
N GLU A 101 18.15 -10.30 0.08
CA GLU A 101 17.24 -11.33 0.56
C GLU A 101 16.37 -10.89 1.74
N GLU A 102 16.09 -11.83 2.63
CA GLU A 102 15.27 -11.57 3.81
C GLU A 102 13.86 -11.15 3.38
N ALA A 103 13.04 -10.80 4.35
CA ALA A 103 11.68 -10.40 4.07
C ALA A 103 11.64 -9.02 3.42
N PRO A 104 10.69 -8.79 2.51
CA PRO A 104 10.62 -7.47 1.87
C PRO A 104 10.45 -6.31 2.83
N LEU A 105 9.66 -6.48 3.89
CA LEU A 105 9.51 -5.37 4.81
C LEU A 105 10.64 -5.26 5.84
N ALA A 106 11.73 -5.98 5.60
CA ALA A 106 12.88 -5.89 6.50
C ALA A 106 13.74 -4.72 6.03
N LEU A 107 13.35 -4.10 4.92
CA LEU A 107 14.08 -2.96 4.36
C LEU A 107 14.57 -1.97 5.39
N ALA A 108 15.85 -1.66 5.32
CA ALA A 108 16.44 -0.71 6.25
C ALA A 108 15.83 0.69 6.16
N SER A 109 15.48 1.12 4.94
CA SER A 109 14.91 2.45 4.75
C SER A 109 13.56 2.65 5.43
N LEU A 110 12.86 1.55 5.68
CA LEU A 110 11.56 1.64 6.36
C LEU A 110 11.81 1.86 7.85
N ALA A 111 12.65 0.99 8.41
CA ALA A 111 13.00 1.04 9.83
C ALA A 111 13.63 2.38 10.19
N ASP A 112 14.52 2.88 9.34
CA ASP A 112 15.19 4.14 9.63
C ASP A 112 14.34 5.38 9.37
N THR A 113 13.36 5.24 8.48
CA THR A 113 12.47 6.36 8.19
C THR A 113 11.63 6.60 9.44
N LEU A 114 11.16 5.53 10.05
CA LEU A 114 10.37 5.62 11.27
C LEU A 114 11.22 6.21 12.38
N SER A 115 12.47 5.75 12.48
CA SER A 115 13.38 6.25 13.51
C SER A 115 13.68 7.73 13.33
N LEU A 116 13.82 8.18 12.10
CA LEU A 116 14.11 9.59 11.83
C LEU A 116 12.91 10.43 12.24
N VAL A 117 11.72 9.97 11.86
CA VAL A 117 10.48 10.67 12.21
C VAL A 117 10.35 10.77 13.72
N GLN A 118 10.47 9.64 14.40
CA GLN A 118 10.37 9.62 15.85
C GLN A 118 11.43 10.53 16.49
N ALA A 119 12.64 10.47 15.95
CA ALA A 119 13.76 11.29 16.43
C ALA A 119 13.49 12.79 16.26
N MET A 120 12.97 13.17 15.10
CA MET A 120 12.66 14.58 14.83
C MET A 120 11.61 15.10 15.81
N VAL A 121 10.64 14.25 16.13
CA VAL A 121 9.58 14.61 17.07
C VAL A 121 10.15 14.83 18.48
N SER A 122 11.00 13.91 18.92
CA SER A 122 11.60 14.01 20.25
C SER A 122 12.56 15.18 20.39
N ALA A 123 13.35 15.42 19.36
CA ALA A 123 14.32 16.51 19.36
C ALA A 123 13.58 17.84 19.24
N GLU A 124 12.32 17.76 18.83
CA GLU A 124 11.49 18.94 18.67
C GLU A 124 12.06 19.94 17.68
N LEU A 125 12.43 19.47 16.49
CA LEU A 125 13.00 20.33 15.45
C LEU A 125 11.92 21.24 14.88
N GLY A 126 10.68 20.77 14.90
CA GLY A 126 9.58 21.56 14.38
C GLY A 126 9.60 21.73 12.87
N CYS A 127 10.39 20.92 12.18
CA CYS A 127 10.47 21.02 10.73
C CYS A 127 9.92 19.73 10.09
N PRO A 128 9.45 19.84 8.84
CA PRO A 128 8.90 18.70 8.08
C PRO A 128 9.95 17.82 7.42
N LEU A 129 9.62 16.55 7.25
CA LEU A 129 10.52 15.59 6.61
C LEU A 129 10.02 15.25 5.21
N TRP A 130 10.90 15.33 4.23
CA TRP A 130 10.57 14.99 2.85
C TRP A 130 11.36 13.76 2.46
N THR A 131 10.66 12.73 2.02
CA THR A 131 11.26 11.44 1.65
C THR A 131 11.23 11.20 0.14
N VAL A 132 12.39 10.87 -0.41
CA VAL A 132 12.57 10.58 -1.82
C VAL A 132 12.66 9.07 -2.04
N THR A 133 11.97 8.58 -3.06
CA THR A 133 12.02 7.15 -3.39
C THR A 133 12.32 7.04 -4.87
N GLU A 134 12.82 5.86 -5.28
CA GLU A 134 13.18 5.63 -6.67
C GLU A 134 12.28 4.59 -7.35
N SER A 135 11.51 5.03 -8.34
CA SER A 135 10.60 4.15 -9.07
C SER A 135 9.80 3.27 -8.12
N ALA A 136 9.24 3.88 -7.09
CA ALA A 136 8.46 3.15 -6.10
C ALA A 136 6.98 3.15 -6.49
N VAL A 137 6.62 4.06 -7.40
CA VAL A 137 5.26 4.16 -7.90
C VAL A 137 5.34 4.34 -9.42
N ALA A 138 4.24 4.06 -10.11
CA ALA A 138 4.19 4.19 -11.57
C ALA A 138 3.07 5.15 -11.99
N THR A 139 3.42 6.15 -12.78
CA THR A 139 2.46 7.15 -13.25
C THR A 139 1.63 6.62 -14.40
N GLY A 140 2.01 5.43 -14.87
CA GLY A 140 1.32 4.77 -15.95
C GLY A 140 1.80 3.34 -16.08
N PRO A 141 1.04 2.48 -16.78
CA PRO A 141 1.31 1.05 -17.02
C PRO A 141 2.66 0.76 -17.65
N PHE A 142 3.22 1.74 -18.33
CA PHE A 142 4.51 1.61 -19.01
C PHE A 142 5.73 1.72 -18.08
N GLU A 143 5.50 2.17 -16.85
CA GLU A 143 6.58 2.30 -15.87
C GLU A 143 6.53 1.10 -14.93
N ARG A 144 7.67 0.59 -14.52
CA ARG A 144 7.67 -0.56 -13.61
C ARG A 144 8.11 -0.20 -12.19
N VAL A 145 7.38 -0.73 -11.22
CA VAL A 145 7.71 -0.52 -9.81
C VAL A 145 8.98 -1.37 -9.61
N ARG A 146 10.07 -0.73 -9.18
CA ARG A 146 11.37 -1.39 -9.00
C ARG A 146 11.42 -2.35 -7.83
N ASN A 147 10.98 -1.89 -6.66
CA ASN A 147 10.93 -2.74 -5.49
C ASN A 147 9.61 -2.42 -4.80
N ALA A 148 8.70 -3.40 -4.78
CA ALA A 148 7.40 -3.23 -4.16
C ALA A 148 7.45 -2.86 -2.69
N ALA A 149 8.58 -3.11 -2.04
CA ALA A 149 8.72 -2.80 -0.62
C ALA A 149 8.80 -1.31 -0.34
N HIS A 150 9.36 -0.55 -1.29
CA HIS A 150 9.49 0.90 -1.12
C HIS A 150 8.11 1.58 -1.03
N GLY A 151 7.08 0.91 -1.53
CA GLY A 151 5.75 1.48 -1.45
C GLY A 151 5.30 1.53 0.00
N ALA A 152 5.89 0.67 0.82
CA ALA A 152 5.53 0.64 2.24
C ALA A 152 5.84 1.99 2.87
N LEU A 153 6.85 2.70 2.36
CA LEU A 153 7.17 4.02 2.89
C LEU A 153 6.03 4.99 2.59
N TRP A 154 5.42 4.85 1.42
CA TRP A 154 4.30 5.72 1.05
C TRP A 154 3.06 5.40 1.89
N GLY A 155 2.88 4.12 2.19
CA GLY A 155 1.74 3.69 2.99
C GLY A 155 1.85 4.16 4.42
N VAL A 156 3.01 4.00 5.04
CA VAL A 156 3.17 4.43 6.42
C VAL A 156 3.24 5.96 6.44
N GLY A 157 3.80 6.52 5.37
CA GLY A 157 3.93 7.97 5.27
C GLY A 157 2.59 8.71 5.33
N ARG A 158 1.59 8.19 4.63
CA ARG A 158 0.26 8.82 4.61
C ARG A 158 -0.37 8.86 6.00
N VAL A 159 -0.07 7.84 6.81
CA VAL A 159 -0.60 7.74 8.17
C VAL A 159 0.13 8.71 9.09
N ILE A 160 1.44 8.80 8.91
CA ILE A 160 2.24 9.71 9.72
C ILE A 160 1.79 11.15 9.48
N ALA A 161 1.44 11.46 8.24
CA ALA A 161 0.98 12.81 7.91
C ALA A 161 -0.31 13.16 8.67
N LEU A 162 -1.16 12.16 8.87
CA LEU A 162 -2.42 12.36 9.57
C LEU A 162 -2.24 12.44 11.09
N GLU A 163 -1.25 11.71 11.62
CA GLU A 163 -0.99 11.69 13.06
C GLU A 163 -0.11 12.85 13.56
N ASN A 164 0.81 13.32 12.72
CA ASN A 164 1.69 14.42 13.08
C ASN A 164 2.02 15.24 11.84
N PRO A 165 1.06 16.04 11.36
CA PRO A 165 1.20 16.89 10.17
C PRO A 165 2.42 17.79 10.17
N ALA A 166 2.78 18.32 11.33
CA ALA A 166 3.91 19.23 11.45
C ALA A 166 5.27 18.64 11.12
N VAL A 167 5.47 17.35 11.40
CA VAL A 167 6.76 16.73 11.14
C VAL A 167 6.88 16.08 9.75
N TRP A 168 5.76 15.91 9.06
CA TRP A 168 5.77 15.27 7.74
C TRP A 168 5.58 16.21 6.54
N GLY A 169 6.61 16.29 5.69
CA GLY A 169 6.54 17.15 4.52
C GLY A 169 5.78 16.47 3.40
N GLY A 170 6.29 15.34 2.94
CA GLY A 170 5.64 14.62 1.86
C GLY A 170 6.57 13.58 1.26
N LEU A 171 6.07 12.95 0.19
CA LEU A 171 6.80 11.92 -0.52
C LEU A 171 7.05 12.34 -1.97
N VAL A 172 8.23 12.05 -2.49
CA VAL A 172 8.57 12.42 -3.87
C VAL A 172 9.28 11.25 -4.56
N ASP A 173 8.72 10.79 -5.68
CA ASP A 173 9.35 9.68 -6.40
C ASP A 173 10.06 10.18 -7.64
N VAL A 174 11.22 9.61 -7.94
CA VAL A 174 11.96 10.00 -9.12
C VAL A 174 12.44 8.72 -9.81
N PRO A 175 12.77 8.82 -11.10
CA PRO A 175 13.24 7.65 -11.85
C PRO A 175 14.52 7.13 -11.19
N ALA A 176 14.64 5.82 -11.03
CA ALA A 176 15.83 5.27 -10.40
C ALA A 176 17.08 5.60 -11.19
N GLY A 177 18.10 6.10 -10.49
CA GLY A 177 19.35 6.44 -11.14
C GLY A 177 19.40 7.81 -11.77
N SER A 178 18.27 8.54 -11.73
CA SER A 178 18.20 9.87 -12.31
C SER A 178 18.19 10.97 -11.24
N VAL A 179 18.84 12.08 -11.54
CA VAL A 179 18.91 13.21 -10.61
C VAL A 179 18.44 14.51 -11.25
N ALA A 180 18.21 14.48 -12.55
CA ALA A 180 17.77 15.67 -13.28
C ALA A 180 16.44 16.23 -12.77
N GLU A 181 15.42 15.39 -12.69
CA GLU A 181 14.09 15.82 -12.21
C GLU A 181 14.16 16.44 -10.82
N LEU A 182 14.83 15.76 -9.91
CA LEU A 182 14.93 16.23 -8.55
C LEU A 182 15.56 17.63 -8.47
N ALA A 183 16.69 17.79 -9.13
CA ALA A 183 17.42 19.06 -9.15
C ALA A 183 16.59 20.22 -9.69
N ARG A 184 15.57 19.93 -10.49
CA ARG A 184 14.75 20.96 -11.09
C ARG A 184 13.46 21.35 -10.36
N HIS A 185 12.92 20.43 -9.56
CA HIS A 185 11.68 20.72 -8.85
C HIS A 185 11.74 20.65 -7.33
N LEU A 186 12.76 19.99 -6.80
CA LEU A 186 12.90 19.83 -5.36
C LEU A 186 12.69 21.16 -4.64
N ALA A 187 13.29 22.22 -5.19
CA ALA A 187 13.18 23.54 -4.60
C ALA A 187 11.72 23.96 -4.45
N ALA A 188 10.96 23.87 -5.54
CA ALA A 188 9.55 24.26 -5.51
C ALA A 188 8.72 23.31 -4.66
N VAL A 189 9.01 22.01 -4.77
CA VAL A 189 8.27 21.01 -4.01
C VAL A 189 8.31 21.29 -2.51
N VAL A 190 9.50 21.48 -1.97
CA VAL A 190 9.65 21.73 -0.53
C VAL A 190 9.15 23.09 -0.07
N SER A 191 9.00 24.03 -1.01
CA SER A 191 8.53 25.36 -0.68
C SER A 191 7.41 25.78 -1.62
N GLY A 192 6.36 24.98 -1.68
CA GLY A 192 5.24 25.30 -2.55
C GLY A 192 3.97 25.52 -1.74
N GLY A 193 3.04 26.28 -2.30
CA GLY A 193 1.80 26.54 -1.60
C GLY A 193 0.67 25.64 -2.07
N ALA A 194 0.96 24.81 -3.06
CA ALA A 194 -0.05 23.90 -3.61
C ALA A 194 -0.58 22.93 -2.56
N GLY A 195 0.31 22.45 -1.70
CA GLY A 195 -0.09 21.52 -0.67
C GLY A 195 0.10 20.08 -1.12
N GLU A 196 0.81 19.91 -2.24
CA GLU A 196 1.07 18.57 -2.76
C GLU A 196 2.10 17.88 -1.87
N ASP A 197 1.76 16.70 -1.37
CA ASP A 197 2.69 15.99 -0.49
C ASP A 197 2.93 14.56 -0.99
N GLN A 198 2.40 14.24 -2.17
CA GLN A 198 2.55 12.93 -2.79
C GLN A 198 2.78 13.17 -4.28
N LEU A 199 4.04 13.28 -4.68
CA LEU A 199 4.36 13.56 -6.07
C LEU A 199 5.34 12.60 -6.73
N ALA A 200 5.28 12.56 -8.07
CA ALA A 200 6.16 11.73 -8.89
C ALA A 200 6.77 12.69 -9.92
N LEU A 201 8.09 12.72 -9.98
CA LEU A 201 8.81 13.59 -10.92
C LEU A 201 9.33 12.74 -12.08
N ARG A 202 8.96 13.13 -13.31
CA ARG A 202 9.38 12.39 -14.49
C ARG A 202 9.97 13.34 -15.53
N ALA A 203 10.68 12.80 -16.51
CA ALA A 203 11.29 13.65 -17.54
C ALA A 203 10.24 14.52 -18.24
N ASP A 204 9.00 14.05 -18.26
CA ASP A 204 7.92 14.78 -18.93
C ASP A 204 6.96 15.53 -18.01
N GLY A 205 7.46 16.01 -16.87
CA GLY A 205 6.61 16.76 -15.96
C GLY A 205 6.45 16.21 -14.55
N VAL A 206 5.70 16.95 -13.73
CA VAL A 206 5.43 16.57 -12.35
C VAL A 206 3.99 16.12 -12.21
N TYR A 207 3.78 15.02 -11.51
CA TYR A 207 2.45 14.46 -11.32
C TYR A 207 2.08 14.31 -9.85
N GLY A 208 0.79 14.44 -9.57
CA GLY A 208 0.31 14.30 -8.21
C GLY A 208 -0.62 13.12 -8.10
N ARG A 209 -0.55 12.41 -6.97
CA ARG A 209 -1.41 11.25 -6.75
C ARG A 209 -2.85 11.71 -6.54
N ARG A 210 -3.78 11.07 -7.24
CA ARG A 210 -5.20 11.43 -7.18
C ARG A 210 -6.17 10.26 -7.21
N TRP A 211 -7.25 10.36 -6.45
CA TRP A 211 -8.31 9.35 -6.46
C TRP A 211 -9.26 9.77 -7.59
N VAL A 212 -9.78 8.80 -8.34
CA VAL A 212 -10.74 9.09 -9.42
C VAL A 212 -11.77 7.97 -9.50
N ARG A 213 -13.02 8.34 -9.77
CA ARG A 213 -14.06 7.32 -9.89
C ARG A 213 -13.80 6.47 -11.13
N ALA A 214 -14.12 5.19 -11.04
CA ALA A 214 -13.92 4.25 -12.15
C ALA A 214 -15.18 4.12 -12.99
N ALA A 215 -14.99 3.82 -14.27
CA ALA A 215 -16.10 3.67 -15.20
C ALA A 215 -16.83 2.34 -15.02
N ALA A 216 -17.22 1.73 -16.14
CA ALA A 216 -17.93 0.46 -16.10
C ALA A 216 -17.30 -0.55 -17.06
N PRO A 217 -17.50 -1.86 -16.81
CA PRO A 217 -16.95 -2.92 -17.65
C PRO A 217 -17.68 -3.09 -18.98
N ALA A 218 -17.47 -2.14 -19.88
CA ALA A 218 -18.12 -2.18 -21.19
C ALA A 218 -17.32 -3.06 -22.15
N THR A 219 -17.06 -4.29 -21.73
CA THR A 219 -16.32 -5.23 -22.55
C THR A 219 -16.87 -6.65 -22.43
N ASP A 220 -16.70 -7.43 -23.50
CA ASP A 220 -17.18 -8.81 -23.53
C ASP A 220 -16.30 -9.71 -22.67
N ASP A 221 -15.25 -9.13 -22.11
CA ASP A 221 -14.34 -9.89 -21.26
C ASP A 221 -14.96 -10.16 -19.88
N GLU A 222 -15.32 -11.40 -19.61
CA GLU A 222 -15.89 -11.77 -18.33
C GLU A 222 -15.05 -12.89 -17.71
N TRP A 223 -14.49 -12.63 -16.54
CA TRP A 223 -13.68 -13.63 -15.85
C TRP A 223 -14.56 -14.74 -15.29
N LYS A 224 -14.17 -16.00 -15.54
CA LYS A 224 -14.93 -17.13 -15.03
C LYS A 224 -14.01 -18.12 -14.33
N PRO A 225 -14.41 -18.62 -13.16
CA PRO A 225 -13.59 -19.58 -12.42
C PRO A 225 -13.62 -20.97 -13.03
N THR A 226 -12.46 -21.61 -13.11
CA THR A 226 -12.35 -22.96 -13.68
C THR A 226 -11.38 -23.80 -12.87
N GLY A 227 -11.34 -25.10 -13.14
CA GLY A 227 -10.45 -25.98 -12.41
C GLY A 227 -10.58 -25.76 -10.92
N THR A 228 -9.45 -25.51 -10.25
CA THR A 228 -9.45 -25.28 -8.82
C THR A 228 -9.07 -23.83 -8.55
N VAL A 229 -9.82 -23.22 -7.63
CA VAL A 229 -9.59 -21.84 -7.21
C VAL A 229 -9.12 -21.94 -5.77
N LEU A 230 -8.00 -21.31 -5.47
CA LEU A 230 -7.44 -21.32 -4.12
C LEU A 230 -7.75 -20.02 -3.39
N VAL A 231 -8.30 -20.11 -2.19
CA VAL A 231 -8.60 -18.92 -1.39
C VAL A 231 -7.82 -19.02 -0.07
N THR A 232 -6.85 -18.12 0.15
CA THR A 232 -6.13 -18.16 1.41
C THR A 232 -6.98 -17.36 2.40
N GLY A 233 -6.94 -17.76 3.68
CA GLY A 233 -7.78 -17.12 4.67
C GLY A 233 -9.21 -17.44 4.30
N GLY A 234 -9.39 -18.53 3.55
CA GLY A 234 -10.70 -18.97 3.09
C GLY A 234 -11.76 -19.23 4.15
N THR A 235 -11.31 -19.56 5.35
CA THR A 235 -12.20 -19.84 6.48
C THR A 235 -12.40 -18.61 7.35
N GLY A 236 -11.87 -17.47 6.92
CA GLY A 236 -12.02 -16.24 7.68
C GLY A 236 -13.23 -15.47 7.18
N GLY A 237 -13.49 -14.30 7.75
CA GLY A 237 -14.64 -13.51 7.32
C GLY A 237 -14.74 -13.20 5.84
N VAL A 238 -13.85 -12.34 5.35
CA VAL A 238 -13.83 -11.93 3.95
C VAL A 238 -13.55 -13.13 3.04
N GLY A 239 -12.58 -13.95 3.41
CA GLY A 239 -12.25 -15.12 2.61
C GLY A 239 -13.48 -16.00 2.39
N GLY A 240 -14.28 -16.16 3.44
CA GLY A 240 -15.49 -16.96 3.36
C GLY A 240 -16.58 -16.38 2.47
N GLN A 241 -16.64 -15.05 2.37
CA GLN A 241 -17.63 -14.42 1.53
C GLN A 241 -17.19 -14.55 0.09
N ILE A 242 -15.87 -14.46 -0.12
CA ILE A 242 -15.31 -14.60 -1.45
C ILE A 242 -15.64 -16.01 -1.93
N ALA A 243 -15.46 -16.99 -1.04
CA ALA A 243 -15.75 -18.40 -1.37
C ALA A 243 -17.20 -18.62 -1.78
N ARG A 244 -18.11 -17.94 -1.09
CA ARG A 244 -19.54 -18.04 -1.39
C ARG A 244 -19.82 -17.46 -2.77
N TRP A 245 -19.22 -16.31 -3.06
CA TRP A 245 -19.40 -15.66 -4.34
C TRP A 245 -18.90 -16.57 -5.45
N LEU A 246 -17.71 -17.14 -5.25
CA LEU A 246 -17.14 -18.03 -6.26
C LEU A 246 -18.09 -19.20 -6.54
N ALA A 247 -18.67 -19.75 -5.48
CA ALA A 247 -19.61 -20.87 -5.59
C ALA A 247 -20.83 -20.45 -6.41
N ARG A 248 -21.38 -19.28 -6.09
CA ARG A 248 -22.55 -18.75 -6.81
C ARG A 248 -22.19 -18.46 -8.26
N ARG A 249 -20.91 -18.18 -8.51
CA ARG A 249 -20.44 -17.89 -9.86
C ARG A 249 -20.36 -19.15 -10.69
N GLY A 250 -20.23 -20.28 -10.01
CA GLY A 250 -20.16 -21.55 -10.70
C GLY A 250 -18.82 -22.25 -10.56
N ALA A 251 -17.98 -21.77 -9.65
CA ALA A 251 -16.68 -22.38 -9.44
C ALA A 251 -16.86 -23.88 -9.19
N PRO A 252 -16.20 -24.71 -10.00
CA PRO A 252 -16.27 -26.18 -9.90
C PRO A 252 -15.67 -26.75 -8.62
N HIS A 253 -14.49 -26.27 -8.25
CA HIS A 253 -13.80 -26.75 -7.05
C HIS A 253 -13.11 -25.62 -6.28
N LEU A 254 -13.31 -25.62 -4.97
CA LEU A 254 -12.70 -24.60 -4.11
C LEU A 254 -11.74 -25.22 -3.10
N LEU A 255 -10.60 -24.58 -2.95
CA LEU A 255 -9.58 -25.01 -2.00
C LEU A 255 -9.43 -23.81 -1.05
N LEU A 256 -9.85 -24.01 0.20
CA LEU A 256 -9.77 -22.97 1.22
C LEU A 256 -8.66 -23.28 2.19
N VAL A 257 -7.73 -22.35 2.33
CA VAL A 257 -6.59 -22.56 3.21
C VAL A 257 -6.45 -21.53 4.33
N SER A 258 -5.92 -21.99 5.47
CA SER A 258 -5.67 -21.16 6.64
C SER A 258 -4.79 -22.00 7.56
N ARG A 259 -4.24 -21.39 8.61
CA ARG A 259 -3.40 -22.12 9.54
C ARG A 259 -4.26 -23.14 10.30
N SER A 260 -5.46 -22.73 10.68
CA SER A 260 -6.39 -23.59 11.41
C SER A 260 -6.97 -24.66 10.51
N GLY A 261 -7.15 -24.32 9.24
CA GLY A 261 -7.70 -25.26 8.28
C GLY A 261 -9.05 -25.85 8.66
N PRO A 262 -9.17 -27.18 8.66
CA PRO A 262 -10.41 -27.88 9.02
C PRO A 262 -10.89 -27.58 10.43
N ASP A 263 -9.96 -27.25 11.32
CA ASP A 263 -10.28 -26.94 12.70
C ASP A 263 -10.86 -25.54 12.85
N ALA A 264 -10.88 -24.79 11.75
CA ALA A 264 -11.40 -23.42 11.77
C ALA A 264 -12.84 -23.43 12.29
N ASP A 265 -13.22 -22.39 13.03
CA ASP A 265 -14.56 -22.30 13.59
C ASP A 265 -15.56 -21.93 12.48
N GLY A 266 -16.56 -22.77 12.27
CA GLY A 266 -17.54 -22.52 11.24
C GLY A 266 -17.20 -23.19 9.92
N ALA A 267 -16.05 -23.84 9.88
CA ALA A 267 -15.58 -24.54 8.68
C ALA A 267 -16.61 -25.55 8.20
N GLY A 268 -17.17 -26.32 9.13
CA GLY A 268 -18.17 -27.31 8.77
C GLY A 268 -19.37 -26.72 8.05
N GLU A 269 -19.97 -25.68 8.62
CA GLU A 269 -21.13 -25.04 8.00
C GLU A 269 -20.73 -24.35 6.70
N LEU A 270 -19.49 -23.85 6.64
CA LEU A 270 -19.00 -23.17 5.44
C LEU A 270 -18.96 -24.17 4.28
N VAL A 271 -18.30 -25.30 4.49
CA VAL A 271 -18.20 -26.34 3.46
C VAL A 271 -19.58 -26.77 2.99
N ALA A 272 -20.46 -27.09 3.93
CA ALA A 272 -21.81 -27.52 3.58
C ALA A 272 -22.51 -26.42 2.79
N GLU A 273 -22.33 -25.17 3.21
CA GLU A 273 -22.95 -24.04 2.53
C GLU A 273 -22.43 -23.91 1.11
N LEU A 274 -21.11 -24.12 0.95
CA LEU A 274 -20.50 -24.02 -0.36
C LEU A 274 -20.91 -25.14 -1.27
N GLU A 275 -20.90 -26.36 -0.75
CA GLU A 275 -21.29 -27.50 -1.56
C GLU A 275 -22.77 -27.44 -1.87
N ALA A 276 -23.54 -26.83 -0.96
CA ALA A 276 -24.98 -26.69 -1.15
C ALA A 276 -25.25 -25.74 -2.31
N LEU A 277 -24.23 -25.00 -2.73
CA LEU A 277 -24.34 -24.05 -3.84
C LEU A 277 -23.79 -24.69 -5.11
N GLY A 278 -23.30 -25.93 -4.99
CA GLY A 278 -22.78 -26.63 -6.15
C GLY A 278 -21.30 -26.46 -6.42
N ALA A 279 -20.47 -26.68 -5.40
CA ALA A 279 -19.03 -26.55 -5.55
C ALA A 279 -18.29 -27.50 -4.62
N ARG A 280 -17.50 -28.40 -5.19
CA ARG A 280 -16.73 -29.35 -4.38
C ARG A 280 -15.67 -28.54 -3.65
N THR A 281 -15.84 -28.43 -2.35
CA THR A 281 -14.92 -27.66 -1.51
C THR A 281 -14.00 -28.50 -0.66
N THR A 282 -12.77 -28.04 -0.51
CA THR A 282 -11.75 -28.72 0.29
C THR A 282 -11.11 -27.72 1.23
N VAL A 283 -10.94 -28.08 2.50
CA VAL A 283 -10.31 -27.18 3.47
C VAL A 283 -9.03 -27.81 4.03
N ALA A 284 -7.90 -27.14 3.86
CA ALA A 284 -6.63 -27.67 4.36
C ALA A 284 -5.87 -26.67 5.24
N ALA A 285 -5.11 -27.21 6.18
CA ALA A 285 -4.30 -26.40 7.08
C ALA A 285 -3.00 -26.08 6.35
N CYS A 286 -2.66 -24.81 6.24
CA CYS A 286 -1.43 -24.41 5.57
C CYS A 286 -1.05 -22.99 5.94
N ASP A 287 0.14 -22.83 6.48
CA ASP A 287 0.64 -21.51 6.85
C ASP A 287 1.29 -20.93 5.59
N VAL A 288 0.70 -19.89 5.01
CA VAL A 288 1.24 -19.30 3.80
C VAL A 288 2.62 -18.68 3.94
N THR A 289 3.10 -18.55 5.19
CA THR A 289 4.41 -17.99 5.45
C THR A 289 5.48 -19.07 5.35
N ASP A 290 5.05 -20.32 5.17
CA ASP A 290 5.97 -21.46 5.04
C ASP A 290 6.06 -21.89 3.59
N ARG A 291 7.17 -21.53 2.95
CA ARG A 291 7.42 -21.83 1.55
C ARG A 291 7.18 -23.29 1.18
N GLU A 292 7.81 -24.20 1.91
CA GLU A 292 7.65 -25.62 1.61
C GLU A 292 6.22 -26.10 1.80
N SER A 293 5.51 -25.54 2.79
CA SER A 293 4.14 -25.94 3.02
C SER A 293 3.27 -25.58 1.82
N VAL A 294 3.47 -24.37 1.28
CA VAL A 294 2.71 -23.92 0.11
C VAL A 294 3.00 -24.81 -1.10
N ARG A 295 4.27 -25.08 -1.33
CA ARG A 295 4.65 -25.91 -2.47
C ARG A 295 3.93 -27.26 -2.43
N GLU A 296 3.99 -27.93 -1.28
CA GLU A 296 3.34 -29.22 -1.12
C GLU A 296 1.84 -29.11 -1.33
N LEU A 297 1.27 -27.98 -0.94
CA LEU A 297 -0.15 -27.74 -1.11
C LEU A 297 -0.48 -27.68 -2.60
N LEU A 298 0.30 -26.89 -3.35
CA LEU A 298 0.09 -26.75 -4.79
C LEU A 298 0.31 -28.06 -5.52
N GLY A 299 1.30 -28.84 -5.06
CA GLY A 299 1.59 -30.10 -5.68
C GLY A 299 0.53 -31.15 -5.39
N GLY A 300 -0.40 -30.83 -4.50
CA GLY A 300 -1.45 -31.77 -4.16
C GLY A 300 -2.73 -31.58 -4.96
N ILE A 301 -2.76 -30.54 -5.79
CA ILE A 301 -3.92 -30.23 -6.62
C ILE A 301 -4.00 -31.24 -7.78
N GLY A 302 -5.20 -31.78 -7.99
CA GLY A 302 -5.41 -32.76 -9.05
C GLY A 302 -5.02 -32.29 -10.43
N ASP A 303 -4.79 -33.25 -11.33
CA ASP A 303 -4.42 -32.94 -12.71
C ASP A 303 -5.63 -32.66 -13.56
N ASP A 304 -6.79 -33.16 -13.14
CA ASP A 304 -8.02 -32.94 -13.88
C ASP A 304 -8.64 -31.60 -13.50
N VAL A 305 -8.22 -31.07 -12.36
CA VAL A 305 -8.72 -29.78 -11.87
C VAL A 305 -7.58 -28.83 -11.50
N PRO A 306 -6.76 -28.45 -12.50
CA PRO A 306 -5.63 -27.55 -12.29
C PRO A 306 -5.98 -26.17 -11.72
N LEU A 307 -5.07 -25.63 -10.92
CA LEU A 307 -5.26 -24.32 -10.31
C LEU A 307 -5.39 -23.27 -11.41
N SER A 308 -6.47 -22.50 -11.36
CA SER A 308 -6.71 -21.46 -12.34
C SER A 308 -6.64 -20.06 -11.71
N ALA A 309 -6.85 -19.99 -10.40
CA ALA A 309 -6.83 -18.69 -9.75
C ALA A 309 -6.53 -18.69 -8.26
N VAL A 310 -5.91 -17.61 -7.79
CA VAL A 310 -5.57 -17.45 -6.39
C VAL A 310 -6.19 -16.15 -5.82
N PHE A 311 -6.82 -16.28 -4.66
CA PHE A 311 -7.43 -15.14 -3.94
C PHE A 311 -6.75 -15.15 -2.57
N HIS A 312 -5.84 -14.21 -2.36
CA HIS A 312 -5.07 -14.14 -1.12
C HIS A 312 -5.66 -13.21 -0.04
N ALA A 313 -6.51 -13.76 0.82
CA ALA A 313 -7.14 -12.98 1.88
C ALA A 313 -6.46 -13.16 3.24
N ALA A 314 -5.45 -14.02 3.31
CA ALA A 314 -4.76 -14.26 4.58
C ALA A 314 -4.10 -12.99 5.14
N ALA A 315 -4.36 -12.69 6.41
CA ALA A 315 -3.78 -11.51 7.06
C ALA A 315 -4.10 -11.40 8.55
N THR A 316 -3.50 -10.43 9.21
CA THR A 316 -3.74 -10.19 10.63
C THR A 316 -3.62 -8.69 10.89
N LEU A 317 -4.59 -8.13 11.60
CA LEU A 317 -4.58 -6.71 11.92
C LEU A 317 -3.70 -6.49 13.14
N ASP A 318 -3.09 -5.32 13.21
CA ASP A 318 -2.20 -4.99 14.32
C ASP A 318 -2.73 -3.91 15.27
N ASP A 319 -3.00 -2.73 14.72
CA ASP A 319 -3.48 -1.60 15.52
C ASP A 319 -2.41 -1.05 16.47
N GLY A 320 -2.05 0.21 16.28
CA GLY A 320 -1.03 0.82 17.11
C GLY A 320 -0.62 2.18 16.56
N THR A 321 -0.07 3.04 17.40
CA THR A 321 0.36 4.37 16.97
C THR A 321 1.76 4.35 16.35
N VAL A 322 2.04 5.37 15.53
CA VAL A 322 3.33 5.50 14.87
C VAL A 322 4.48 5.57 15.87
N ASP A 323 4.27 6.28 16.98
CA ASP A 323 5.31 6.42 17.98
C ASP A 323 5.69 5.07 18.60
N THR A 324 4.81 4.08 18.47
CA THR A 324 5.10 2.76 19.02
C THR A 324 5.46 1.76 17.93
N LEU A 325 5.70 2.24 16.72
CA LEU A 325 6.03 1.36 15.60
C LEU A 325 7.53 1.31 15.31
N THR A 326 7.98 0.17 14.76
CA THR A 326 9.38 0.00 14.39
C THR A 326 9.41 -0.85 13.12
N GLY A 327 10.48 -0.72 12.35
CA GLY A 327 10.59 -1.52 11.13
C GLY A 327 10.42 -2.99 11.46
N GLU A 328 11.16 -3.43 12.49
CA GLU A 328 11.10 -4.81 12.95
C GLU A 328 9.67 -5.27 13.28
N ARG A 329 8.96 -4.46 14.07
CA ARG A 329 7.59 -4.76 14.48
C ARG A 329 6.66 -4.96 13.28
N ILE A 330 6.70 -4.03 12.34
CA ILE A 330 5.86 -4.09 11.14
C ILE A 330 6.15 -5.33 10.28
N GLU A 331 7.43 -5.66 10.11
CA GLU A 331 7.78 -6.82 9.31
C GLU A 331 7.20 -8.09 9.94
N ARG A 332 7.38 -8.20 11.25
CA ARG A 332 6.91 -9.36 11.99
C ARG A 332 5.41 -9.60 11.95
N ALA A 333 4.63 -8.53 12.13
CA ALA A 333 3.18 -8.64 12.17
C ALA A 333 2.46 -8.87 10.85
N SER A 334 3.10 -8.49 9.74
CA SER A 334 2.45 -8.63 8.46
C SER A 334 2.98 -9.76 7.57
N ARG A 335 3.57 -10.78 8.18
CA ARG A 335 4.14 -11.88 7.40
C ARG A 335 3.13 -12.66 6.55
N ALA A 336 1.98 -12.99 7.13
CA ALA A 336 0.99 -13.76 6.36
C ALA A 336 0.61 -13.05 5.05
N LYS A 337 0.31 -11.76 5.13
CA LYS A 337 -0.06 -11.00 3.93
C LYS A 337 1.11 -10.85 2.96
N VAL A 338 2.26 -10.40 3.46
CA VAL A 338 3.44 -10.16 2.62
C VAL A 338 4.17 -11.40 2.13
N LEU A 339 4.59 -12.27 3.06
CA LEU A 339 5.30 -13.49 2.67
C LEU A 339 4.36 -14.44 1.93
N GLY A 340 3.11 -14.45 2.36
CA GLY A 340 2.12 -15.28 1.70
C GLY A 340 2.05 -14.85 0.25
N ALA A 341 1.94 -13.54 0.02
CA ALA A 341 1.86 -13.03 -1.35
C ALA A 341 3.11 -13.34 -2.16
N ARG A 342 4.28 -13.12 -1.58
CA ARG A 342 5.55 -13.37 -2.27
C ARG A 342 5.69 -14.85 -2.61
N ASN A 343 5.36 -15.70 -1.64
CA ASN A 343 5.42 -17.14 -1.85
C ASN A 343 4.46 -17.59 -2.97
N LEU A 344 3.21 -17.18 -2.91
CA LEU A 344 2.23 -17.55 -3.94
C LEU A 344 2.65 -17.03 -5.29
N HIS A 345 3.24 -15.85 -5.30
CA HIS A 345 3.71 -15.24 -6.55
C HIS A 345 4.77 -16.11 -7.23
N GLU A 346 5.86 -16.36 -6.52
CA GLU A 346 6.95 -17.15 -7.07
C GLU A 346 6.62 -18.62 -7.36
N LEU A 347 5.73 -19.22 -6.57
CA LEU A 347 5.36 -20.62 -6.79
C LEU A 347 4.31 -20.85 -7.89
N THR A 348 3.54 -19.83 -8.24
CA THR A 348 2.52 -20.01 -9.28
C THR A 348 2.84 -19.25 -10.56
N ARG A 349 3.99 -18.58 -10.58
CA ARG A 349 4.40 -17.77 -11.74
C ARG A 349 4.39 -18.50 -13.07
N GLU A 350 4.77 -19.77 -13.06
CA GLU A 350 4.81 -20.57 -14.29
C GLU A 350 3.49 -21.24 -14.65
N LEU A 351 2.58 -21.29 -13.69
CA LEU A 351 1.27 -21.89 -13.91
C LEU A 351 0.48 -20.96 -14.82
N ASP A 352 -0.52 -21.49 -15.50
CA ASP A 352 -1.31 -20.67 -16.40
C ASP A 352 -2.55 -20.09 -15.71
N LEU A 353 -2.32 -19.24 -14.70
CA LEU A 353 -3.41 -18.63 -13.94
C LEU A 353 -4.17 -17.56 -14.71
N THR A 354 -5.47 -17.45 -14.44
CA THR A 354 -6.29 -16.44 -15.11
C THR A 354 -6.57 -15.27 -14.18
N ALA A 355 -6.29 -15.46 -12.90
CA ALA A 355 -6.47 -14.41 -11.92
C ALA A 355 -5.59 -14.65 -10.70
N PHE A 356 -4.99 -13.57 -10.24
CA PHE A 356 -4.10 -13.57 -9.09
C PHE A 356 -4.52 -12.32 -8.30
N VAL A 357 -5.42 -12.48 -7.33
CA VAL A 357 -5.96 -11.37 -6.56
C VAL A 357 -5.42 -11.18 -5.15
N LEU A 358 -4.76 -10.05 -4.90
CA LEU A 358 -4.21 -9.76 -3.57
C LEU A 358 -5.19 -8.83 -2.85
N PHE A 359 -5.48 -9.10 -1.59
CA PHE A 359 -6.42 -8.26 -0.85
C PHE A 359 -5.76 -7.12 -0.11
N SER A 360 -5.74 -5.94 -0.74
CA SER A 360 -5.16 -4.75 -0.11
C SER A 360 -6.22 -4.05 0.77
N SER A 361 -6.00 -2.79 1.11
CA SER A 361 -6.93 -2.07 2.01
C SER A 361 -6.96 -0.57 1.84
N PHE A 362 -8.02 0.06 2.35
CA PHE A 362 -8.13 1.51 2.28
C PHE A 362 -6.97 2.07 3.10
N ALA A 363 -6.40 1.21 3.95
CA ALA A 363 -5.27 1.59 4.79
C ALA A 363 -4.09 2.09 3.96
N SER A 364 -3.95 1.55 2.75
CA SER A 364 -2.88 1.99 1.86
C SER A 364 -3.41 2.95 0.81
N ALA A 365 -4.71 2.88 0.54
CA ALA A 365 -5.33 3.76 -0.47
C ALA A 365 -5.30 5.22 -0.03
N PHE A 366 -5.69 5.49 1.21
CA PHE A 366 -5.60 6.86 1.71
C PHE A 366 -4.98 6.91 3.10
N GLY A 367 -5.00 5.76 3.78
CA GLY A 367 -4.41 5.71 5.11
C GLY A 367 -5.24 6.38 6.17
N ALA A 368 -5.04 5.97 7.42
CA ALA A 368 -5.79 6.54 8.53
C ALA A 368 -5.02 6.32 9.82
N PRO A 369 -5.17 7.25 10.77
CA PRO A 369 -4.48 7.13 12.06
C PRO A 369 -4.79 5.79 12.74
N GLY A 370 -3.75 5.18 13.31
CA GLY A 370 -3.94 3.91 13.99
C GLY A 370 -3.56 2.69 13.15
N LEU A 371 -3.63 2.84 11.83
CA LEU A 371 -3.31 1.73 10.93
C LEU A 371 -1.92 1.83 10.31
N GLY A 372 -1.06 2.64 10.93
CA GLY A 372 0.29 2.83 10.42
C GLY A 372 1.05 1.52 10.27
N GLY A 373 0.72 0.53 11.09
CA GLY A 373 1.42 -0.73 10.99
C GLY A 373 0.77 -1.66 9.99
N TYR A 374 -0.49 -1.38 9.67
CA TYR A 374 -1.24 -2.19 8.73
C TYR A 374 -1.06 -1.71 7.29
N ALA A 375 -0.89 -0.40 7.11
CA ALA A 375 -0.70 0.21 5.81
C ALA A 375 0.47 -0.35 4.97
N PRO A 376 1.65 -0.55 5.59
CA PRO A 376 2.80 -1.07 4.84
C PRO A 376 2.59 -2.35 4.04
N GLY A 377 2.04 -3.37 4.69
CA GLY A 377 1.81 -4.64 4.01
C GLY A 377 0.82 -4.53 2.86
N ASN A 378 -0.17 -3.64 3.02
CA ASN A 378 -1.14 -3.44 1.98
C ASN A 378 -0.50 -2.72 0.79
N ALA A 379 0.39 -1.76 1.07
CA ALA A 379 1.04 -1.06 -0.03
C ALA A 379 1.97 -2.01 -0.80
N TYR A 380 2.57 -2.97 -0.12
CA TYR A 380 3.47 -3.92 -0.81
C TYR A 380 2.67 -4.71 -1.86
N LEU A 381 1.46 -5.13 -1.50
CA LEU A 381 0.60 -5.87 -2.42
C LEU A 381 0.29 -5.01 -3.64
N ASP A 382 -0.02 -3.73 -3.43
CA ASP A 382 -0.33 -2.85 -4.56
C ASP A 382 0.84 -2.85 -5.55
N GLY A 383 2.06 -2.72 -5.06
CA GLY A 383 3.20 -2.69 -5.95
C GLY A 383 3.50 -4.02 -6.63
N LEU A 384 3.33 -5.10 -5.87
CA LEU A 384 3.60 -6.45 -6.38
C LEU A 384 2.63 -6.75 -7.52
N ALA A 385 1.38 -6.28 -7.41
CA ALA A 385 0.43 -6.52 -8.51
C ALA A 385 0.84 -5.76 -9.77
N GLN A 386 1.40 -4.57 -9.61
CA GLN A 386 1.84 -3.78 -10.76
C GLN A 386 3.05 -4.44 -11.45
N GLN A 387 3.95 -5.01 -10.64
CA GLN A 387 5.14 -5.68 -11.15
C GLN A 387 4.77 -6.92 -11.94
N ARG A 388 3.77 -7.66 -11.46
CA ARG A 388 3.33 -8.85 -12.18
C ARG A 388 2.78 -8.44 -13.55
N ARG A 389 1.95 -7.40 -13.57
CA ARG A 389 1.39 -6.95 -14.84
C ARG A 389 2.51 -6.46 -15.79
N SER A 390 3.53 -5.80 -15.25
CA SER A 390 4.63 -5.34 -16.09
C SER A 390 5.35 -6.53 -16.71
N ASP A 391 5.28 -7.68 -16.03
CA ASP A 391 5.94 -8.89 -16.51
C ASP A 391 5.01 -9.82 -17.30
N GLY A 392 3.86 -9.30 -17.72
CA GLY A 392 2.93 -10.10 -18.49
C GLY A 392 2.14 -11.14 -17.73
N LEU A 393 2.01 -10.97 -16.41
CA LEU A 393 1.25 -11.92 -15.59
C LEU A 393 -0.02 -11.24 -15.06
N PRO A 394 -1.08 -12.03 -14.85
CA PRO A 394 -2.35 -11.50 -14.31
C PRO A 394 -2.17 -11.11 -12.84
N ALA A 395 -2.80 -10.02 -12.44
CA ALA A 395 -2.73 -9.58 -11.06
C ALA A 395 -3.71 -8.46 -10.77
N THR A 396 -4.29 -8.51 -9.58
CA THR A 396 -5.26 -7.51 -9.12
C THR A 396 -5.02 -7.24 -7.64
N ALA A 397 -4.76 -5.99 -7.26
CA ALA A 397 -4.60 -5.71 -5.85
C ALA A 397 -5.81 -4.85 -5.48
N VAL A 398 -6.81 -5.47 -4.86
CA VAL A 398 -8.02 -4.71 -4.52
C VAL A 398 -7.94 -4.04 -3.15
N ALA A 399 -8.06 -2.72 -3.14
CA ALA A 399 -8.01 -1.98 -1.89
C ALA A 399 -9.43 -1.93 -1.35
N TRP A 400 -9.73 -2.81 -0.40
CA TRP A 400 -11.06 -2.92 0.18
C TRP A 400 -11.38 -1.93 1.28
N GLY A 401 -12.65 -1.53 1.32
CA GLY A 401 -13.10 -0.66 2.38
C GLY A 401 -13.57 -1.67 3.40
N THR A 402 -14.49 -1.31 4.29
CA THR A 402 -14.96 -2.28 5.28
C THR A 402 -16.05 -3.20 4.70
N TRP A 403 -16.19 -4.36 5.32
CA TRP A 403 -17.17 -5.37 4.92
C TRP A 403 -18.22 -5.55 6.00
N ALA A 404 -19.47 -5.74 5.58
CA ALA A 404 -20.59 -5.89 6.51
C ALA A 404 -20.93 -7.32 6.94
N GLY A 405 -20.69 -8.28 6.06
CA GLY A 405 -21.01 -9.65 6.41
C GLY A 405 -19.85 -10.41 7.03
N SER A 406 -18.74 -9.71 7.26
CA SER A 406 -17.55 -10.31 7.83
C SER A 406 -17.55 -10.34 9.36
N GLY A 407 -16.41 -10.76 9.91
CA GLY A 407 -16.26 -10.85 11.35
C GLY A 407 -15.88 -9.54 12.02
N MET A 408 -16.56 -8.46 11.66
CA MET A 408 -16.30 -7.17 12.28
C MET A 408 -17.38 -7.03 13.33
N ALA A 409 -17.06 -7.42 14.56
CA ALA A 409 -18.02 -7.37 15.65
C ALA A 409 -18.29 -5.94 16.12
N GLU A 410 -17.24 -5.14 16.16
CA GLU A 410 -17.34 -3.75 16.59
C GLU A 410 -17.62 -3.53 18.07
N GLY A 411 -17.00 -2.46 18.57
CA GLY A 411 -17.31 -1.93 19.88
C GLY A 411 -17.17 -0.41 19.86
N PRO A 412 -15.90 0.03 19.72
CA PRO A 412 -15.55 1.44 19.60
C PRO A 412 -15.18 1.84 18.15
N VAL A 413 -14.70 0.85 17.37
CA VAL A 413 -14.05 1.17 16.09
C VAL A 413 -15.03 1.38 14.92
N ALA A 414 -15.90 0.41 14.67
CA ALA A 414 -16.86 0.50 13.57
C ALA A 414 -17.73 1.75 13.62
N ASP A 415 -18.30 2.04 14.78
CA ASP A 415 -19.15 3.22 14.92
C ASP A 415 -18.40 4.49 14.53
N ARG A 416 -17.15 4.63 14.98
CA ARG A 416 -16.34 5.80 14.64
C ARG A 416 -16.09 5.89 13.15
N PHE A 417 -15.91 4.74 12.52
CA PHE A 417 -15.67 4.68 11.09
C PHE A 417 -16.84 5.18 10.27
N ARG A 418 -18.02 4.64 10.53
CA ARG A 418 -19.21 5.04 9.79
C ARG A 418 -19.53 6.54 9.91
N ARG A 419 -19.31 7.14 11.07
CA ARG A 419 -19.60 8.57 11.15
C ARG A 419 -18.43 9.37 10.60
N HIS A 420 -17.42 8.65 10.09
CA HIS A 420 -16.25 9.27 9.48
C HIS A 420 -16.34 9.16 7.97
N GLY A 421 -17.47 8.66 7.47
CA GLY A 421 -17.64 8.54 6.04
C GLY A 421 -17.37 7.18 5.43
N VAL A 422 -17.02 6.19 6.24
CA VAL A 422 -16.77 4.84 5.70
C VAL A 422 -17.79 3.81 6.20
N ILE A 423 -18.65 3.39 5.27
CA ILE A 423 -19.71 2.41 5.55
C ILE A 423 -19.35 1.02 5.06
N GLU A 424 -19.63 -0.01 5.86
CA GLU A 424 -19.36 -1.38 5.46
C GLU A 424 -20.28 -1.76 4.30
N MET A 425 -19.72 -2.47 3.32
CA MET A 425 -20.46 -2.88 2.14
C MET A 425 -21.09 -4.26 2.25
N PRO A 426 -22.25 -4.45 1.63
CA PRO A 426 -22.87 -5.78 1.71
C PRO A 426 -21.87 -6.70 0.98
N PRO A 427 -21.62 -7.90 1.51
CA PRO A 427 -20.68 -8.85 0.92
C PRO A 427 -20.92 -9.11 -0.56
N GLU A 428 -22.17 -9.36 -0.90
CA GLU A 428 -22.59 -9.66 -2.26
C GLU A 428 -22.26 -8.54 -3.24
N THR A 429 -22.44 -7.31 -2.77
CA THR A 429 -22.16 -6.14 -3.59
C THR A 429 -20.67 -5.91 -3.76
N ALA A 430 -19.91 -6.16 -2.71
CA ALA A 430 -18.47 -5.96 -2.77
C ALA A 430 -17.89 -6.91 -3.81
N CYS A 431 -18.30 -8.17 -3.74
CA CYS A 431 -17.82 -9.16 -4.68
C CYS A 431 -18.19 -8.85 -6.13
N ARG A 432 -19.33 -8.19 -6.35
CA ARG A 432 -19.73 -7.86 -7.72
C ARG A 432 -18.89 -6.73 -8.29
N ALA A 433 -18.33 -5.92 -7.41
CA ALA A 433 -17.46 -4.83 -7.83
C ALA A 433 -16.13 -5.48 -8.23
N LEU A 434 -15.75 -6.52 -7.50
CA LEU A 434 -14.52 -7.24 -7.79
C LEU A 434 -14.65 -7.88 -9.17
N GLN A 435 -15.80 -8.49 -9.43
CA GLN A 435 -16.06 -9.14 -10.71
C GLN A 435 -15.89 -8.14 -11.84
N ASN A 436 -16.46 -6.95 -11.66
CA ASN A 436 -16.36 -5.89 -12.66
C ASN A 436 -14.90 -5.45 -12.82
N ALA A 437 -14.16 -5.41 -11.73
CA ALA A 437 -12.75 -5.01 -11.79
C ALA A 437 -11.98 -6.05 -12.60
N LEU A 438 -12.29 -7.32 -12.40
CA LEU A 438 -11.62 -8.39 -13.14
C LEU A 438 -11.99 -8.30 -14.62
N ASP A 439 -13.27 -8.11 -14.90
CA ASP A 439 -13.72 -8.01 -16.29
C ASP A 439 -12.98 -6.92 -17.06
N ARG A 440 -12.64 -5.83 -16.38
CA ARG A 440 -11.92 -4.73 -17.02
C ARG A 440 -10.40 -4.81 -16.84
N ALA A 441 -9.95 -5.86 -16.14
CA ALA A 441 -8.53 -6.06 -15.89
C ALA A 441 -7.84 -4.87 -15.20
N GLU A 442 -8.50 -4.31 -14.19
CA GLU A 442 -7.95 -3.19 -13.42
C GLU A 442 -6.90 -3.78 -12.48
N VAL A 443 -5.72 -3.18 -12.48
CA VAL A 443 -4.63 -3.67 -11.64
C VAL A 443 -4.78 -3.33 -10.16
N CYS A 444 -5.21 -2.10 -9.85
CA CYS A 444 -5.39 -1.74 -8.46
C CYS A 444 -6.72 -1.03 -8.17
N PRO A 445 -7.84 -1.75 -8.29
CA PRO A 445 -9.15 -1.16 -8.03
C PRO A 445 -9.37 -0.92 -6.54
N ILE A 446 -10.07 0.18 -6.24
CA ILE A 446 -10.41 0.53 -4.87
C ILE A 446 -11.91 0.31 -4.81
N VAL A 447 -12.35 -0.51 -3.86
CA VAL A 447 -13.78 -0.83 -3.69
C VAL A 447 -14.16 -0.48 -2.27
N ILE A 448 -14.83 0.65 -2.10
CA ILE A 448 -15.20 1.12 -0.78
C ILE A 448 -16.43 2.02 -0.85
N ASP A 449 -17.22 2.04 0.22
CA ASP A 449 -18.40 2.90 0.28
C ASP A 449 -17.97 4.09 1.13
N VAL A 450 -17.78 5.23 0.49
CA VAL A 450 -17.36 6.44 1.18
C VAL A 450 -18.41 7.54 1.01
N ARG A 451 -18.77 8.17 2.12
CA ARG A 451 -19.72 9.27 2.11
C ARG A 451 -18.80 10.47 2.30
N TRP A 452 -18.47 11.10 1.19
CA TRP A 452 -17.55 12.22 1.14
C TRP A 452 -17.81 13.39 2.06
N ASP A 453 -19.08 13.71 2.30
CA ASP A 453 -19.39 14.81 3.20
C ASP A 453 -18.71 14.55 4.54
N ARG A 454 -19.12 13.49 5.23
CA ARG A 454 -18.53 13.15 6.52
C ARG A 454 -17.06 12.80 6.46
N PHE A 455 -16.64 12.17 5.36
CA PHE A 455 -15.26 11.76 5.21
C PHE A 455 -14.26 12.91 5.18
N LEU A 456 -14.43 13.83 4.25
CA LEU A 456 -13.54 14.97 4.12
C LEU A 456 -13.33 15.75 5.41
N LEU A 457 -14.40 15.95 6.16
CA LEU A 457 -14.29 16.69 7.41
C LEU A 457 -13.37 15.98 8.39
N ALA A 458 -13.45 14.65 8.43
CA ALA A 458 -12.61 13.88 9.34
C ALA A 458 -11.18 13.71 8.81
N TYR A 459 -11.03 13.64 7.50
CA TYR A 459 -9.71 13.45 6.90
C TYR A 459 -8.85 14.70 6.88
N THR A 460 -9.48 15.84 6.61
CA THR A 460 -8.79 17.12 6.56
C THR A 460 -8.99 17.85 7.90
N ALA A 461 -9.17 17.08 8.96
CA ALA A 461 -9.38 17.63 10.30
C ALA A 461 -8.29 18.61 10.70
N GLN A 462 -7.04 18.29 10.37
CA GLN A 462 -5.95 19.17 10.73
C GLN A 462 -4.83 19.22 9.69
N ARG A 463 -5.11 18.76 8.48
CA ARG A 463 -4.14 18.79 7.41
C ARG A 463 -4.84 18.78 6.05
N PRO A 464 -4.52 19.76 5.20
CA PRO A 464 -5.13 19.84 3.87
C PRO A 464 -4.62 18.73 2.95
N THR A 465 -5.40 18.39 1.93
CA THR A 465 -5.01 17.35 0.99
C THR A 465 -5.57 17.58 -0.41
N ARG A 466 -4.81 17.15 -1.41
CA ARG A 466 -5.23 17.29 -2.80
C ARG A 466 -5.58 15.95 -3.40
N LEU A 467 -5.37 14.89 -2.61
CA LEU A 467 -5.65 13.53 -3.04
C LEU A 467 -7.01 13.36 -3.69
N PHE A 468 -8.02 14.03 -3.17
CA PHE A 468 -9.36 13.87 -3.73
C PHE A 468 -9.83 15.08 -4.56
N ASP A 469 -8.91 15.77 -5.22
CA ASP A 469 -9.29 16.93 -6.04
C ASP A 469 -10.15 16.59 -7.25
N GLU A 470 -9.98 15.39 -7.80
CA GLU A 470 -10.73 14.96 -8.98
C GLU A 470 -12.01 14.21 -8.63
N ILE A 471 -12.37 14.19 -7.35
CA ILE A 471 -13.58 13.50 -6.94
C ILE A 471 -14.74 14.50 -6.87
N ASP A 472 -15.65 14.39 -7.83
CA ASP A 472 -16.82 15.26 -7.90
C ASP A 472 -17.50 15.42 -6.56
N ASP A 473 -17.89 14.31 -5.94
CA ASP A 473 -18.55 14.34 -4.64
C ASP A 473 -17.69 15.04 -3.59
N ALA A 474 -16.38 14.89 -3.69
CA ALA A 474 -15.49 15.53 -2.74
C ALA A 474 -15.32 17.00 -3.12
N ARG A 475 -15.55 17.29 -4.41
CA ARG A 475 -15.44 18.65 -4.92
C ARG A 475 -16.54 19.53 -4.31
N ARG A 476 -17.75 18.99 -4.27
CA ARG A 476 -18.89 19.72 -3.70
C ARG A 476 -18.79 19.80 -2.18
PA NDP B . -9.81 -12.26 9.47
O1A NDP B . -8.73 -11.95 10.44
O2A NDP B . -11.25 -12.33 9.96
O5B NDP B . -9.00 -13.54 9.13
C5B NDP B . -9.06 -14.63 8.32
C4B NDP B . -7.99 -15.48 9.25
O4B NDP B . -7.20 -15.83 7.98
C3B NDP B . -7.13 -16.42 10.21
O3B NDP B . -7.65 -16.97 11.37
C2B NDP B . -6.62 -17.63 9.37
O2B NDP B . -7.45 -18.73 9.37
C1B NDP B . -6.21 -16.85 8.14
N9A NDP B . -4.71 -16.71 8.25
C8A NDP B . -3.94 -15.93 9.12
N7A NDP B . -2.61 -16.14 9.00
C5A NDP B . -2.51 -17.08 8.04
C6A NDP B . -1.36 -17.73 7.45
N6A NDP B . -0.11 -17.52 7.82
N1A NDP B . -1.66 -18.66 6.47
C2A NDP B . -2.91 -18.90 6.05
N3A NDP B . -4.05 -18.25 6.47
C4A NDP B . -3.78 -17.38 7.51
O3 NDP B . -9.74 -10.97 8.44
PN NDP B . -10.50 -10.55 7.10
O1N NDP B . -11.13 -9.19 7.28
O2N NDP B . -11.44 -11.69 6.80
O5D NDP B . -9.35 -10.50 5.98
C5D NDP B . -9.59 -10.26 4.57
C4D NDP B . -9.26 -8.87 4.04
O4D NDP B . -10.36 -7.88 4.11
C3D NDP B . -8.06 -8.08 4.61
O3D NDP B . -6.81 -8.71 4.46
C2D NDP B . -8.23 -6.76 3.90
O2D NDP B . -7.67 -6.81 2.58
C1D NDP B . -9.78 -6.56 3.95
N1N NDP B . -10.31 -5.48 5.01
C2N NDP B . -11.06 -5.83 6.15
C3N NDP B . -11.51 -4.83 7.06
C7N NDP B . -12.40 -5.13 8.26
O7N NDP B . -12.68 -4.23 9.06
N7N NDP B . -12.81 -6.40 8.38
C4N NDP B . -11.10 -3.46 6.88
C5N NDP B . -10.26 -3.14 5.77
C6N NDP B . -9.79 -4.14 4.93
P2B NDP B . -7.35 -19.93 10.50
O1X NDP B . -7.89 -19.44 11.86
O2X NDP B . -8.15 -21.06 9.96
O3X NDP B . -5.81 -20.22 10.57
#